data_8P08
#
_entry.id   8P08
#
_cell.length_a   78.482
_cell.length_b   64.442
_cell.length_c   88.393
_cell.angle_alpha   90.000
_cell.angle_beta   114.190
_cell.angle_gamma   90.000
#
_symmetry.space_group_name_H-M   'I 1 2 1'
#
loop_
_entity.id
_entity.type
_entity.pdbx_description
1 polymer 'Dual specificity protein kinase CLK1'
2 non-polymer (4~{Z})-4-(1,3-benzothiazol-6-ylmethylidene)-2-[[(2~{R})-1-methoxy-4-methyl-pentan-2-yl]amino]-1~{H}-imidazol-5-one
3 water water
#
_entity_poly.entity_id   1
_entity_poly.type   'polypeptide(L)'
_entity_poly.pdbx_seq_one_letter_code
;SMHLICQSGDVLSARYEIVDTLGEGAFGKVVECIDHKAGGRHVAVKIVKNVDRYCEAARSEIQVLEHLNTTDPNSTFRCV
QMLEWFEHHGHICIVFELLGLSTYDFIKENGFLPFRLDHIRKMAYQICKSVNFLHSNKLTHTDLKPENILFVQSDYTEAY
NPKIKRDERTLINPDIKVVDFGSATYDDEHHSTLVSTRHYRAPEVILALGWSQPCDVWSIGCILIEYYLGFTVFPTHDSK
EHLAMMERILGPLPKHMIQKTRKRKYFHHDRLDWDEHSSAGRYVSRACKPLKEFMLSQDVEHERLFDLIQKMLEYDPAKR
ITLREALKHPFFDLLKKSI
;
_entity_poly.pdbx_strand_id   A
#
loop_
_chem_comp.id
_chem_comp.type
_chem_comp.name
_chem_comp.formula
WAZ non-polymer (4~{Z})-4-(1,3-benzothiazol-6-ylmethylidene)-2-[[(2~{R})-1-methoxy-4-methyl-pentan-2-yl]amino]-1~{H}-imidazol-5-one 'C18 H22 N4 O2 S'
#
# COMPACT_ATOMS: atom_id res chain seq x y z
N MET A 2 -2.55 25.08 6.23
CA MET A 2 -1.66 23.96 6.55
C MET A 2 -0.20 24.39 6.52
N HIS A 3 0.11 25.35 5.65
CA HIS A 3 1.48 25.84 5.50
C HIS A 3 1.98 26.57 6.74
N LEU A 4 1.09 26.95 7.65
CA LEU A 4 1.43 27.89 8.73
C LEU A 4 1.63 27.24 10.09
N ILE A 5 1.00 26.10 10.35
CA ILE A 5 0.97 25.53 11.70
C ILE A 5 1.89 24.31 11.81
N CYS A 6 2.88 24.19 10.93
CA CYS A 6 3.61 22.94 10.80
C CYS A 6 5.13 23.06 10.91
N GLN A 7 5.70 24.26 10.96
CA GLN A 7 7.15 24.41 10.84
C GLN A 7 7.87 23.80 12.03
N SER A 8 9.20 23.79 11.95
CA SER A 8 10.00 23.24 13.04
C SER A 8 10.04 24.22 14.21
N GLY A 9 10.30 23.67 15.40
CA GLY A 9 10.26 24.45 16.62
C GLY A 9 8.90 24.65 17.21
N ASP A 10 7.83 24.48 16.43
CA ASP A 10 6.48 24.61 16.96
C ASP A 10 6.21 23.56 18.02
N VAL A 11 5.40 23.94 19.01
CA VAL A 11 4.99 23.04 20.09
C VAL A 11 3.50 22.78 19.93
N LEU A 12 3.13 21.49 19.94
CA LEU A 12 1.75 21.07 19.80
C LEU A 12 1.24 20.52 21.12
N SER A 13 -0.01 20.85 21.46
CA SER A 13 -0.70 20.34 22.64
C SER A 13 0.08 20.59 23.93
N ALA A 14 0.97 21.59 23.92
CA ALA A 14 1.79 21.95 25.06
C ALA A 14 2.70 20.80 25.52
N ARG A 15 3.12 19.96 24.59
CA ARG A 15 4.03 18.87 24.94
C ARG A 15 4.86 18.38 23.76
N TYR A 16 4.29 18.35 22.56
CA TYR A 16 4.97 17.82 21.38
C TYR A 16 5.70 18.94 20.65
N GLU A 17 7.02 18.82 20.56
CA GLU A 17 7.87 19.82 19.91
C GLU A 17 8.34 19.28 18.56
N ILE A 18 7.97 19.97 17.48
CA ILE A 18 8.33 19.54 16.13
C ILE A 18 9.84 19.64 15.93
N VAL A 19 10.42 18.62 15.31
CA VAL A 19 11.85 18.62 15.00
C VAL A 19 12.14 18.29 13.54
N ASP A 20 11.21 17.71 12.78
CA ASP A 20 11.46 17.34 11.40
C ASP A 20 10.14 17.04 10.72
N THR A 21 10.15 17.11 9.39
CA THR A 21 9.01 16.73 8.56
C THR A 21 9.31 15.38 7.91
N LEU A 22 8.38 14.44 8.06
CA LEU A 22 8.57 13.08 7.54
C LEU A 22 7.82 12.82 6.25
N GLY A 23 6.92 13.71 5.84
CA GLY A 23 6.18 13.53 4.60
C GLY A 23 5.01 14.48 4.45
N GLU A 24 4.72 14.86 3.21
CA GLU A 24 3.60 15.75 2.90
C GLU A 24 2.75 15.10 1.83
N GLY A 25 1.43 15.05 2.05
CA GLY A 25 0.54 14.41 1.13
C GLY A 25 -0.78 15.15 0.93
N ALA A 26 -1.75 14.47 0.30
CA ALA A 26 -3.03 15.10 0.04
C ALA A 26 -3.79 15.38 1.33
N PHE A 27 -3.65 14.51 2.33
CA PHE A 27 -4.34 14.71 3.61
C PHE A 27 -3.67 15.77 4.47
N GLY A 28 -2.40 16.06 4.24
CA GLY A 28 -1.66 16.98 5.07
C GLY A 28 -0.22 16.60 5.28
N LYS A 29 0.20 16.48 6.54
CA LYS A 29 1.62 16.38 6.88
C LYS A 29 1.82 15.31 7.95
N VAL A 30 3.05 14.79 7.99
CA VAL A 30 3.53 13.96 9.08
C VAL A 30 4.85 14.56 9.57
N VAL A 31 4.91 14.86 10.86
CA VAL A 31 6.08 15.51 11.45
C VAL A 31 6.61 14.65 12.59
N GLU A 32 7.91 14.79 12.86
CA GLU A 32 8.56 14.14 13.99
C GLU A 32 8.59 15.10 15.16
N CYS A 33 8.27 14.59 16.36
CA CYS A 33 8.14 15.44 17.53
C CYS A 33 8.77 14.77 18.74
N ILE A 34 9.10 15.61 19.72
CA ILE A 34 9.56 15.16 21.04
C ILE A 34 8.42 15.33 22.02
N ASP A 35 8.09 14.27 22.74
CA ASP A 35 7.03 14.32 23.75
C ASP A 35 7.67 14.63 25.09
N HIS A 36 7.59 15.90 25.52
CA HIS A 36 8.24 16.33 26.74
C HIS A 36 7.52 15.84 28.00
N LYS A 37 6.33 15.27 27.87
CA LYS A 37 5.60 14.71 29.01
C LYS A 37 5.72 13.19 29.08
N ALA A 38 6.62 12.60 28.30
CA ALA A 38 6.87 11.16 28.32
C ALA A 38 8.36 10.89 28.14
N GLY A 39 9.18 11.61 28.91
CA GLY A 39 10.60 11.36 28.92
C GLY A 39 11.33 11.75 27.65
N GLY A 40 10.70 12.56 26.80
CA GLY A 40 11.31 12.92 25.53
C GLY A 40 11.20 11.87 24.46
N ARG A 41 10.23 10.97 24.56
CA ARG A 41 10.01 9.96 23.53
C ARG A 41 9.71 10.62 22.19
N HIS A 42 10.43 10.20 21.15
CA HIS A 42 10.20 10.72 19.82
C HIS A 42 8.97 10.06 19.22
N VAL A 43 8.04 10.89 18.73
CA VAL A 43 6.77 10.41 18.20
C VAL A 43 6.58 11.00 16.81
N ALA A 44 5.66 10.39 16.06
CA ALA A 44 5.22 10.90 14.76
C ALA A 44 3.81 11.44 14.91
N VAL A 45 3.58 12.65 14.41
CA VAL A 45 2.29 13.31 14.50
C VAL A 45 1.76 13.57 13.10
N LYS A 46 0.53 13.13 12.85
CA LYS A 46 -0.11 13.26 11.55
C LYS A 46 -1.02 14.49 11.59
N ILE A 47 -0.67 15.51 10.81
CA ILE A 47 -1.41 16.77 10.77
C ILE A 47 -2.36 16.70 9.58
N VAL A 48 -3.66 16.75 9.86
CA VAL A 48 -4.70 16.61 8.84
C VAL A 48 -5.20 17.99 8.44
N LYS A 49 -5.38 18.20 7.14
CA LYS A 49 -5.96 19.44 6.64
C LYS A 49 -7.35 19.65 7.24
N ASN A 50 -7.74 20.93 7.35
CA ASN A 50 -9.08 21.28 7.81
C ASN A 50 -10.03 21.31 6.60
N VAL A 51 -10.21 20.13 6.01
CA VAL A 51 -11.13 19.92 4.91
C VAL A 51 -12.11 18.83 5.33
N ASP A 52 -13.35 18.94 4.86
CA ASP A 52 -14.41 18.03 5.30
C ASP A 52 -14.05 16.57 5.09
N ARG A 53 -13.65 16.22 3.87
CA ARG A 53 -13.39 14.81 3.55
C ARG A 53 -12.21 14.26 4.36
N TYR A 54 -11.19 15.09 4.58
CA TYR A 54 -10.01 14.62 5.31
C TYR A 54 -10.25 14.60 6.82
N CYS A 55 -11.09 15.50 7.33
CA CYS A 55 -11.45 15.45 8.74
C CYS A 55 -12.30 14.22 9.04
N GLU A 56 -13.29 13.94 8.20
CA GLU A 56 -14.12 12.75 8.39
C GLU A 56 -13.30 11.48 8.32
N ALA A 57 -12.33 11.43 7.40
CA ALA A 57 -11.46 10.26 7.31
C ALA A 57 -10.57 10.14 8.54
N ALA A 58 -10.07 11.27 9.05
CA ALA A 58 -9.23 11.23 10.24
C ALA A 58 -10.02 10.78 11.46
N ARG A 59 -11.29 11.17 11.54
CA ARG A 59 -12.13 10.72 12.66
C ARG A 59 -12.38 9.22 12.59
N SER A 60 -12.63 8.70 11.39
CA SER A 60 -12.83 7.26 11.23
C SER A 60 -11.55 6.49 11.51
N GLU A 61 -10.40 7.07 11.13
CA GLU A 61 -9.13 6.40 11.37
C GLU A 61 -8.82 6.31 12.86
N ILE A 62 -9.18 7.33 13.63
CA ILE A 62 -8.98 7.29 15.07
C ILE A 62 -9.85 6.21 15.69
N GLN A 63 -11.09 6.07 15.22
CA GLN A 63 -11.96 5.02 15.74
C GLN A 63 -11.42 3.63 15.41
N VAL A 64 -10.89 3.45 14.21
CA VAL A 64 -10.31 2.16 13.83
C VAL A 64 -9.06 1.87 14.65
N LEU A 65 -8.24 2.90 14.88
CA LEU A 65 -6.99 2.70 15.61
C LEU A 65 -7.25 2.35 17.08
N GLU A 66 -8.28 2.97 17.68
CA GLU A 66 -8.64 2.60 19.04
C GLU A 66 -9.09 1.15 19.12
N HIS A 67 -9.79 0.67 18.08
CA HIS A 67 -10.20 -0.72 18.05
C HIS A 67 -9.00 -1.66 17.89
N LEU A 68 -8.08 -1.32 17.01
CA LEU A 68 -6.93 -2.19 16.78
C LEU A 68 -5.98 -2.20 17.97
N ASN A 69 -5.80 -1.04 18.62
CA ASN A 69 -4.96 -0.99 19.81
C ASN A 69 -5.54 -1.84 20.94
N THR A 70 -6.86 -1.95 21.02
CA THR A 70 -7.50 -2.75 22.06
C THR A 70 -7.50 -4.22 21.69
N THR A 71 -7.73 -4.54 20.41
CA THR A 71 -7.74 -5.94 20.00
C THR A 71 -6.33 -6.52 19.94
N ASP A 72 -5.34 -5.69 19.66
CA ASP A 72 -3.93 -6.12 19.59
C ASP A 72 -3.08 -5.13 20.38
N PRO A 73 -3.14 -5.19 21.72
CA PRO A 73 -2.32 -4.26 22.52
C PRO A 73 -0.82 -4.47 22.33
N ASN A 74 -0.38 -5.73 22.18
CA ASN A 74 1.05 -6.00 21.99
C ASN A 74 1.54 -5.59 20.60
N SER A 75 0.64 -5.20 19.70
CA SER A 75 0.98 -4.92 18.30
C SER A 75 1.63 -6.14 17.65
N THR A 76 1.13 -7.32 17.99
CA THR A 76 1.66 -8.56 17.42
C THR A 76 1.48 -8.59 15.90
N PHE A 77 0.44 -7.93 15.39
CA PHE A 77 0.12 -7.98 13.96
C PHE A 77 0.50 -6.70 13.23
N ARG A 78 1.42 -5.91 13.81
CA ARG A 78 2.20 -4.91 13.08
C ARG A 78 1.34 -3.83 12.44
N CYS A 79 0.21 -3.49 13.05
CA CYS A 79 -0.47 -2.24 12.77
C CYS A 79 0.11 -1.16 13.65
N VAL A 80 0.28 0.04 13.08
CA VAL A 80 0.94 1.11 13.82
C VAL A 80 0.11 1.47 15.04
N GLN A 81 0.80 1.73 16.15
CA GLN A 81 0.14 2.06 17.41
C GLN A 81 -0.11 3.56 17.49
N MET A 82 -1.35 3.94 17.79
CA MET A 82 -1.70 5.33 18.05
C MET A 82 -1.54 5.62 19.53
N LEU A 83 -0.82 6.69 19.85
CA LEU A 83 -0.59 7.05 21.25
C LEU A 83 -1.74 7.89 21.80
N GLU A 84 -2.17 8.91 21.07
CA GLU A 84 -3.33 9.71 21.41
C GLU A 84 -3.63 10.62 20.21
N TRP A 85 -4.68 11.42 20.36
CA TRP A 85 -5.06 12.39 19.34
C TRP A 85 -5.51 13.68 20.02
N PHE A 86 -5.43 14.77 19.28
CA PHE A 86 -5.80 16.08 19.78
C PHE A 86 -6.03 17.01 18.60
N GLU A 87 -6.45 18.24 18.89
CA GLU A 87 -6.70 19.25 17.88
C GLU A 87 -5.76 20.42 18.08
N HIS A 88 -5.39 21.06 16.97
CA HIS A 88 -4.41 22.14 16.98
C HIS A 88 -4.80 23.14 15.91
N HIS A 89 -5.29 24.30 16.32
CA HIS A 89 -5.77 25.34 15.40
C HIS A 89 -6.82 24.78 14.45
N GLY A 90 -7.70 23.94 14.99
CA GLY A 90 -8.76 23.33 14.21
C GLY A 90 -8.37 22.11 13.41
N HIS A 91 -7.08 21.78 13.33
CA HIS A 91 -6.63 20.62 12.59
C HIS A 91 -6.54 19.41 13.51
N ILE A 92 -6.96 18.26 13.01
CA ILE A 92 -6.89 17.02 13.76
C ILE A 92 -5.47 16.48 13.70
N CYS A 93 -4.94 16.07 14.85
CA CYS A 93 -3.59 15.54 14.94
C CYS A 93 -3.62 14.19 15.62
N ILE A 94 -3.00 13.18 15.00
CA ILE A 94 -2.91 11.84 15.56
C ILE A 94 -1.44 11.56 15.87
N VAL A 95 -1.17 11.18 17.11
CA VAL A 95 0.19 10.86 17.55
C VAL A 95 0.42 9.36 17.38
N PHE A 96 1.54 9.00 16.76
CA PHE A 96 1.89 7.61 16.51
C PHE A 96 3.23 7.28 17.14
N GLU A 97 3.44 6.00 17.38
CA GLU A 97 4.79 5.50 17.60
C GLU A 97 5.64 5.81 16.37
N LEU A 98 6.89 6.19 16.60
CA LEU A 98 7.75 6.62 15.51
C LEU A 98 8.36 5.42 14.80
N LEU A 99 8.19 5.37 13.48
CA LEU A 99 8.76 4.34 12.64
C LEU A 99 9.84 4.96 11.75
N GLY A 100 10.37 4.15 10.83
CA GLY A 100 11.38 4.60 9.90
C GLY A 100 10.79 5.07 8.59
N LEU A 101 11.57 4.90 7.52
CA LEU A 101 11.11 5.28 6.19
C LEU A 101 10.04 4.33 5.69
N SER A 102 9.14 4.87 4.87
CA SER A 102 8.21 4.02 4.13
C SER A 102 8.97 3.26 3.05
N THR A 103 8.41 2.12 2.65
CA THR A 103 9.07 1.31 1.63
C THR A 103 9.17 2.06 0.30
N TYR A 104 8.22 2.94 0.00
CA TYR A 104 8.35 3.79 -1.17
C TYR A 104 9.47 4.81 -0.97
N ASP A 105 9.53 5.42 0.21
CA ASP A 105 10.59 6.39 0.49
C ASP A 105 11.96 5.74 0.41
N PHE A 106 12.12 4.54 0.97
CA PHE A 106 13.41 3.87 0.91
C PHE A 106 13.78 3.53 -0.53
N ILE A 107 12.82 3.02 -1.31
CA ILE A 107 13.09 2.71 -2.72
C ILE A 107 13.55 3.94 -3.47
N LYS A 108 12.88 5.08 -3.25
CA LYS A 108 13.23 6.31 -3.93
C LYS A 108 14.63 6.78 -3.54
N GLU A 109 14.89 6.96 -2.25
CA GLU A 109 16.22 7.32 -1.77
C GLU A 109 17.29 6.27 -2.06
N ASN A 110 16.94 5.11 -2.63
CA ASN A 110 17.89 4.09 -3.06
C ASN A 110 17.97 4.01 -4.58
N GLY A 111 17.68 5.13 -5.25
CA GLY A 111 17.68 5.17 -6.69
C GLY A 111 16.67 4.27 -7.37
N PHE A 112 15.57 3.95 -6.69
CA PHE A 112 14.49 3.14 -7.25
C PHE A 112 14.97 1.75 -7.67
N LEU A 113 15.82 1.17 -6.83
CA LEU A 113 16.32 -0.20 -6.96
C LEU A 113 15.42 -1.16 -6.18
N PRO A 114 15.15 -2.35 -6.73
CA PRO A 114 14.29 -3.30 -6.03
C PRO A 114 14.96 -3.88 -4.80
N PHE A 115 14.18 -4.60 -4.01
CA PHE A 115 14.67 -5.27 -2.82
C PHE A 115 15.18 -6.66 -3.17
N ARG A 116 16.13 -7.15 -2.39
CA ARG A 116 16.57 -8.53 -2.52
C ARG A 116 15.39 -9.47 -2.22
N LEU A 117 15.41 -10.63 -2.87
CA LEU A 117 14.27 -11.54 -2.78
C LEU A 117 14.02 -11.99 -1.35
N ASP A 118 15.09 -12.20 -0.58
CA ASP A 118 14.92 -12.67 0.79
C ASP A 118 14.29 -11.60 1.67
N HIS A 119 14.48 -10.32 1.33
CA HIS A 119 13.79 -9.26 2.05
C HIS A 119 12.33 -9.15 1.63
N ILE A 120 12.04 -9.33 0.33
CA ILE A 120 10.66 -9.35 -0.14
C ILE A 120 9.87 -10.44 0.56
N ARG A 121 10.50 -11.60 0.80
CA ARG A 121 9.82 -12.70 1.46
C ARG A 121 9.40 -12.32 2.88
N LYS A 122 10.32 -11.75 3.66
CA LYS A 122 9.99 -11.36 5.02
C LYS A 122 8.96 -10.25 5.05
N MET A 123 9.06 -9.30 4.10
CA MET A 123 8.10 -8.19 4.07
C MET A 123 6.73 -8.67 3.62
N ALA A 124 6.67 -9.50 2.58
CA ALA A 124 5.39 -10.01 2.09
C ALA A 124 4.67 -10.81 3.18
N TYR A 125 5.42 -11.57 3.96
CA TYR A 125 4.81 -12.37 5.03
C TYR A 125 4.21 -11.46 6.09
N GLN A 126 4.96 -10.44 6.52
CA GLN A 126 4.46 -9.56 7.57
C GLN A 126 3.30 -8.70 7.07
N ILE A 127 3.34 -8.30 5.80
CA ILE A 127 2.22 -7.55 5.24
C ILE A 127 0.96 -8.41 5.21
N CYS A 128 1.10 -9.67 4.77
CA CYS A 128 -0.05 -10.56 4.69
C CYS A 128 -0.61 -10.86 6.09
N LYS A 129 0.27 -11.05 7.08
CA LYS A 129 -0.21 -11.29 8.44
C LYS A 129 -0.90 -10.05 9.01
N SER A 130 -0.34 -8.87 8.75
CA SER A 130 -0.91 -7.64 9.29
C SER A 130 -2.28 -7.34 8.67
N VAL A 131 -2.41 -7.52 7.36
CA VAL A 131 -3.68 -7.23 6.70
C VAL A 131 -4.70 -8.35 6.93
N ASN A 132 -4.22 -9.59 7.13
CA ASN A 132 -5.14 -10.65 7.54
C ASN A 132 -5.73 -10.36 8.91
N PHE A 133 -4.95 -9.73 9.79
CA PHE A 133 -5.48 -9.27 11.07
C PHE A 133 -6.61 -8.28 10.87
N LEU A 134 -6.45 -7.36 9.91
CA LEU A 134 -7.55 -6.46 9.58
C LEU A 134 -8.77 -7.22 9.08
N HIS A 135 -8.54 -8.22 8.22
CA HIS A 135 -9.66 -8.96 7.64
C HIS A 135 -10.35 -9.83 8.67
N SER A 136 -9.58 -10.40 9.60
CA SER A 136 -10.18 -11.18 10.68
C SER A 136 -11.11 -10.32 11.54
N ASN A 137 -10.82 -9.03 11.64
CA ASN A 137 -11.65 -8.09 12.39
C ASN A 137 -12.66 -7.37 11.50
N LYS A 138 -13.07 -7.99 10.38
CA LYS A 138 -14.12 -7.47 9.51
C LYS A 138 -13.77 -6.09 8.95
N LEU A 139 -12.51 -5.93 8.54
CA LEU A 139 -12.03 -4.65 8.03
C LEU A 139 -11.38 -4.83 6.66
N THR A 140 -11.44 -3.78 5.85
CA THR A 140 -10.75 -3.73 4.57
C THR A 140 -9.99 -2.41 4.48
N HIS A 141 -8.70 -2.49 4.15
CA HIS A 141 -7.84 -1.31 4.17
C HIS A 141 -8.08 -0.41 2.96
N THR A 142 -8.23 -1.01 1.77
CA THR A 142 -8.56 -0.35 0.50
C THR A 142 -7.45 0.54 -0.06
N ASP A 143 -6.44 0.91 0.73
CA ASP A 143 -5.39 1.81 0.26
C ASP A 143 -4.01 1.27 0.59
N LEU A 144 -3.77 0.01 0.23
CA LEU A 144 -2.47 -0.60 0.47
C LEU A 144 -1.51 -0.25 -0.68
N LYS A 145 -0.36 0.30 -0.33
CA LYS A 145 0.62 0.74 -1.30
C LYS A 145 1.97 0.89 -0.60
N PRO A 146 3.08 0.92 -1.36
CA PRO A 146 4.39 1.05 -0.71
C PRO A 146 4.53 2.26 0.20
N GLU A 147 3.80 3.35 -0.08
CA GLU A 147 3.88 4.52 0.78
C GLU A 147 3.28 4.25 2.15
N ASN A 148 2.33 3.32 2.25
CA ASN A 148 1.66 3.00 3.50
C ASN A 148 2.26 1.80 4.21
N ILE A 149 3.37 1.26 3.69
CA ILE A 149 4.14 0.21 4.36
C ILE A 149 5.43 0.85 4.85
N LEU A 150 5.63 0.86 6.16
CA LEU A 150 6.73 1.57 6.78
C LEU A 150 7.64 0.59 7.50
N PHE A 151 8.95 0.73 7.30
CA PHE A 151 9.90 -0.03 8.10
C PHE A 151 9.86 0.41 9.55
N VAL A 152 9.96 -0.56 10.46
CA VAL A 152 10.11 -0.22 11.87
C VAL A 152 11.40 0.55 12.09
N GLN A 153 12.45 0.21 11.34
CA GLN A 153 13.75 0.87 11.47
C GLN A 153 14.47 0.68 10.15
N SER A 154 14.86 1.78 9.50
CA SER A 154 15.35 1.75 8.13
C SER A 154 16.86 1.99 8.03
N ASP A 155 17.61 1.60 9.05
CA ASP A 155 19.07 1.65 8.93
C ASP A 155 19.54 0.68 7.86
N TYR A 156 20.59 1.07 7.13
CA TYR A 156 21.00 0.34 5.94
C TYR A 156 22.52 0.34 5.84
N THR A 157 23.01 -0.35 4.81
CA THR A 157 24.43 -0.37 4.45
C THR A 157 24.56 -0.19 2.95
N GLU A 158 25.67 0.43 2.53
CA GLU A 158 25.92 0.74 1.14
C GLU A 158 27.03 -0.14 0.58
N ALA A 159 26.90 -0.52 -0.68
CA ALA A 159 27.89 -1.35 -1.35
C ALA A 159 27.67 -1.25 -2.86
N TYR A 160 28.78 -1.28 -3.60
CA TYR A 160 28.72 -1.19 -5.06
C TYR A 160 28.32 -2.53 -5.65
N ASN A 161 27.52 -2.48 -6.71
CA ASN A 161 26.98 -3.69 -7.35
C ASN A 161 27.28 -3.68 -8.85
N PRO A 162 28.24 -4.48 -9.30
CA PRO A 162 28.36 -4.73 -10.73
C PRO A 162 27.19 -5.57 -11.22
N LYS A 163 26.86 -5.41 -12.51
CA LYS A 163 25.62 -5.80 -13.18
C LYS A 163 24.63 -4.64 -13.10
N ILE A 164 24.52 -4.03 -11.93
CA ILE A 164 23.77 -2.78 -11.82
C ILE A 164 24.68 -1.59 -12.10
N LYS A 165 25.97 -1.73 -11.82
CA LYS A 165 26.97 -0.69 -12.07
C LYS A 165 26.64 0.60 -11.34
N ARG A 166 26.27 0.45 -10.06
CA ARG A 166 25.94 1.59 -9.20
C ARG A 166 25.85 1.10 -7.77
N ASP A 167 25.83 2.06 -6.84
CA ASP A 167 25.78 1.75 -5.42
C ASP A 167 24.37 1.34 -5.02
N GLU A 168 24.29 0.42 -4.06
CA GLU A 168 23.03 -0.21 -3.67
C GLU A 168 22.92 -0.25 -2.15
N ARG A 169 21.82 0.26 -1.63
CA ARG A 169 21.54 0.18 -0.20
C ARG A 169 20.84 -1.13 0.12
N THR A 170 20.98 -1.55 1.38
CA THR A 170 20.41 -2.82 1.83
C THR A 170 19.99 -2.70 3.28
N LEU A 171 18.76 -3.10 3.57
CA LEU A 171 18.22 -2.99 4.92
C LEU A 171 19.03 -3.82 5.91
N ILE A 172 19.15 -3.31 7.13
CA ILE A 172 19.67 -4.11 8.24
C ILE A 172 18.58 -5.02 8.79
N ASN A 173 17.43 -4.43 9.14
CA ASN A 173 16.26 -5.17 9.59
C ASN A 173 15.09 -4.77 8.71
N PRO A 174 14.46 -5.69 7.98
CA PRO A 174 13.38 -5.31 7.06
C PRO A 174 11.99 -5.39 7.68
N ASP A 175 11.91 -5.40 9.01
CA ASP A 175 10.60 -5.45 9.67
C ASP A 175 9.78 -4.20 9.32
N ILE A 176 8.48 -4.40 9.13
CA ILE A 176 7.60 -3.35 8.61
C ILE A 176 6.37 -3.23 9.51
N LYS A 177 5.62 -2.15 9.27
CA LYS A 177 4.30 -1.94 9.85
C LYS A 177 3.38 -1.36 8.79
N VAL A 178 2.07 -1.54 8.98
CA VAL A 178 1.05 -1.03 8.07
C VAL A 178 0.41 0.19 8.70
N VAL A 179 0.21 1.24 7.89
CA VAL A 179 -0.29 2.53 8.38
C VAL A 179 -1.45 2.98 7.52
N ASP A 180 -2.03 4.12 7.89
CA ASP A 180 -3.10 4.81 7.18
C ASP A 180 -4.39 4.02 7.14
N PHE A 181 -5.28 4.26 8.10
CA PHE A 181 -6.58 3.62 8.18
C PHE A 181 -7.72 4.63 8.00
N GLY A 182 -7.48 5.67 7.21
CA GLY A 182 -8.53 6.65 6.97
C GLY A 182 -9.60 6.14 6.03
N SER A 183 -9.27 5.18 5.18
CA SER A 183 -10.24 4.58 4.26
C SER A 183 -10.67 3.19 4.73
N ALA A 184 -10.15 2.72 5.86
CA ALA A 184 -10.53 1.40 6.38
C ALA A 184 -12.03 1.30 6.57
N THR A 185 -12.63 0.24 6.02
CA THR A 185 -14.07 0.08 5.99
C THR A 185 -14.46 -1.24 6.62
N TYR A 186 -15.46 -1.20 7.50
CA TYR A 186 -16.00 -2.41 8.08
C TYR A 186 -16.97 -3.09 7.11
N ASP A 187 -17.23 -4.37 7.35
CA ASP A 187 -18.14 -5.12 6.48
C ASP A 187 -19.56 -4.57 6.57
N ASP A 188 -19.98 -4.15 7.76
CA ASP A 188 -21.32 -3.61 7.94
C ASP A 188 -21.44 -2.17 7.46
N GLU A 189 -20.32 -1.49 7.24
CA GLU A 189 -20.33 -0.10 6.85
C GLU A 189 -20.70 0.06 5.37
N HIS A 190 -21.01 1.29 4.99
CA HIS A 190 -21.30 1.60 3.60
C HIS A 190 -20.00 1.60 2.80
N HIS A 191 -20.01 0.88 1.68
CA HIS A 191 -18.85 0.76 0.81
C HIS A 191 -18.97 1.75 -0.34
N SER A 192 -18.00 2.64 -0.46
CA SER A 192 -18.03 3.68 -1.48
C SER A 192 -17.63 3.09 -2.84
N THR A 193 -17.37 3.97 -3.80
CA THR A 193 -16.82 3.57 -5.10
C THR A 193 -15.39 4.05 -5.28
N LEU A 194 -14.76 4.51 -4.19
CA LEU A 194 -13.31 4.71 -4.08
C LEU A 194 -12.78 5.93 -4.80
N VAL A 195 -11.94 6.70 -4.11
CA VAL A 195 -11.25 7.86 -4.65
C VAL A 195 -10.14 7.39 -5.59
N SER A 196 -9.33 8.34 -6.08
CA SER A 196 -8.12 7.98 -6.81
C SER A 196 -7.20 7.21 -5.88
N THR A 197 -7.50 5.93 -5.65
CA THR A 197 -6.86 5.20 -4.56
C THR A 197 -5.37 5.01 -4.83
N ARG A 198 -5.00 4.69 -6.08
CA ARG A 198 -3.63 4.52 -6.55
C ARG A 198 -3.65 3.78 -7.89
N HIS A 199 -2.50 3.67 -8.55
CA HIS A 199 -2.31 2.73 -9.64
C HIS A 199 -2.55 1.29 -9.19
N TYR A 200 -3.05 1.10 -7.97
CA TYR A 200 -3.53 -0.18 -7.47
C TYR A 200 -5.04 -0.07 -7.34
N ARG A 201 -5.76 -0.50 -8.38
CA ARG A 201 -7.22 -0.57 -8.32
C ARG A 201 -7.64 -1.95 -8.79
N ALA A 202 -8.25 -2.73 -7.90
CA ALA A 202 -8.71 -4.06 -8.26
C ALA A 202 -9.75 -3.98 -9.36
N PRO A 203 -9.83 -4.99 -10.23
CA PRO A 203 -10.80 -4.93 -11.34
C PRO A 203 -12.25 -4.81 -10.86
N GLU A 204 -12.61 -5.48 -9.77
CA GLU A 204 -13.96 -5.34 -9.24
C GLU A 204 -14.23 -3.92 -8.74
N VAL A 205 -13.18 -3.20 -8.35
CA VAL A 205 -13.33 -1.81 -7.95
C VAL A 205 -13.56 -0.92 -9.17
N ILE A 206 -12.77 -1.14 -10.22
CA ILE A 206 -12.91 -0.35 -11.44
C ILE A 206 -14.27 -0.56 -12.08
N LEU A 207 -14.75 -1.80 -12.08
CA LEU A 207 -15.99 -2.16 -12.76
C LEU A 207 -17.22 -2.03 -11.88
N ALA A 208 -17.06 -1.56 -10.64
CA ALA A 208 -18.17 -1.31 -9.73
C ALA A 208 -19.03 -2.55 -9.54
N LEU A 209 -18.36 -3.68 -9.30
CA LEU A 209 -19.03 -4.95 -9.05
C LEU A 209 -19.16 -5.25 -7.56
N GLY A 210 -18.82 -4.30 -6.71
CA GLY A 210 -18.78 -4.55 -5.28
C GLY A 210 -17.41 -5.01 -4.86
N TRP A 211 -16.94 -4.54 -3.70
CA TRP A 211 -15.60 -4.87 -3.24
C TRP A 211 -15.63 -5.16 -1.74
N SER A 212 -14.62 -5.89 -1.29
CA SER A 212 -14.41 -6.16 0.12
C SER A 212 -12.96 -6.55 0.38
N GLN A 213 -12.75 -7.54 1.23
CA GLN A 213 -11.39 -7.99 1.56
C GLN A 213 -10.54 -8.36 0.35
N PRO A 214 -11.05 -9.06 -0.68
CA PRO A 214 -10.17 -9.44 -1.80
C PRO A 214 -9.46 -8.29 -2.48
N CYS A 215 -10.04 -7.08 -2.47
CA CYS A 215 -9.37 -5.95 -3.11
C CYS A 215 -8.07 -5.57 -2.38
N ASP A 216 -7.97 -5.90 -1.09
CA ASP A 216 -6.69 -5.75 -0.40
C ASP A 216 -5.67 -6.74 -0.91
N VAL A 217 -6.09 -7.96 -1.22
CA VAL A 217 -5.18 -8.97 -1.74
C VAL A 217 -4.65 -8.54 -3.11
N TRP A 218 -5.49 -7.89 -3.91
CA TRP A 218 -5.02 -7.39 -5.20
C TRP A 218 -3.92 -6.35 -5.01
N SER A 219 -4.10 -5.44 -4.06
CA SER A 219 -3.11 -4.39 -3.84
C SER A 219 -1.77 -4.98 -3.39
N ILE A 220 -1.81 -6.01 -2.55
CA ILE A 220 -0.59 -6.63 -2.06
C ILE A 220 0.16 -7.28 -3.21
N GLY A 221 -0.56 -7.91 -4.14
CA GLY A 221 0.09 -8.48 -5.31
C GLY A 221 0.81 -7.44 -6.14
N CYS A 222 0.20 -6.25 -6.28
CA CYS A 222 0.86 -5.16 -6.98
C CYS A 222 2.01 -4.58 -6.15
N ILE A 223 1.91 -4.65 -4.83
CA ILE A 223 3.01 -4.22 -3.97
C ILE A 223 4.22 -5.12 -4.15
N LEU A 224 3.99 -6.43 -4.28
CA LEU A 224 5.08 -7.39 -4.37
C LEU A 224 5.87 -7.21 -5.66
N ILE A 225 5.16 -7.07 -6.79
CA ILE A 225 5.85 -6.91 -8.07
C ILE A 225 6.61 -5.59 -8.10
N GLU A 226 6.08 -4.56 -7.44
CA GLU A 226 6.80 -3.29 -7.37
C GLU A 226 8.04 -3.41 -6.47
N TYR A 227 7.93 -4.18 -5.39
CA TYR A 227 9.11 -4.48 -4.58
C TYR A 227 10.14 -5.27 -5.38
N TYR A 228 9.68 -6.13 -6.28
CA TYR A 228 10.57 -7.00 -7.04
C TYR A 228 11.21 -6.29 -8.22
N LEU A 229 10.57 -5.24 -8.74
CA LEU A 229 11.06 -4.54 -9.92
C LEU A 229 11.65 -3.17 -9.62
N GLY A 230 11.14 -2.49 -8.59
CA GLY A 230 11.49 -1.10 -8.35
C GLY A 230 10.52 -0.11 -8.98
N PHE A 231 9.56 -0.60 -9.76
CA PHE A 231 8.56 0.26 -10.38
C PHE A 231 7.25 -0.51 -10.44
N THR A 232 6.15 0.23 -10.51
CA THR A 232 4.84 -0.40 -10.64
C THR A 232 4.66 -0.97 -12.04
N VAL A 233 3.87 -2.04 -12.12
CA VAL A 233 3.56 -2.65 -13.42
C VAL A 233 2.33 -2.02 -14.06
N PHE A 234 1.63 -1.13 -13.35
CA PHE A 234 0.47 -0.40 -13.87
C PHE A 234 0.72 1.10 -13.73
N PRO A 235 1.62 1.67 -14.54
CA PRO A 235 1.93 3.11 -14.40
C PRO A 235 0.90 4.02 -15.09
N THR A 236 -0.24 4.20 -14.44
CA THR A 236 -1.31 5.00 -15.01
C THR A 236 -2.26 5.45 -13.91
N HIS A 237 -3.01 6.51 -14.22
CA HIS A 237 -4.08 6.99 -13.36
C HIS A 237 -5.45 6.90 -14.03
N ASP A 238 -5.53 6.53 -15.30
CA ASP A 238 -6.79 6.36 -15.99
C ASP A 238 -7.28 4.93 -15.84
N SER A 239 -8.61 4.78 -15.71
CA SER A 239 -9.18 3.48 -15.40
C SER A 239 -9.18 2.56 -16.63
N LYS A 240 -9.61 3.08 -17.78
CA LYS A 240 -9.59 2.26 -19.00
C LYS A 240 -8.18 1.85 -19.37
N GLU A 241 -7.22 2.76 -19.20
CA GLU A 241 -5.81 2.42 -19.42
C GLU A 241 -5.36 1.35 -18.45
N HIS A 242 -5.83 1.42 -17.20
CA HIS A 242 -5.53 0.38 -16.21
C HIS A 242 -6.04 -0.97 -16.68
N LEU A 243 -7.27 -1.02 -17.20
CA LEU A 243 -7.84 -2.26 -17.67
C LEU A 243 -7.08 -2.81 -18.87
N ALA A 244 -6.61 -1.92 -19.75
CA ALA A 244 -5.84 -2.36 -20.90
C ALA A 244 -4.49 -2.94 -20.48
N MET A 245 -3.92 -2.42 -19.40
CA MET A 245 -2.66 -2.96 -18.91
C MET A 245 -2.85 -4.35 -18.31
N MET A 246 -3.98 -4.56 -17.63
CA MET A 246 -4.27 -5.87 -17.06
C MET A 246 -4.39 -6.93 -18.16
N GLU A 247 -5.04 -6.58 -19.27
CA GLU A 247 -5.23 -7.55 -20.35
C GLU A 247 -3.90 -7.95 -20.98
N ARG A 248 -2.95 -7.02 -21.05
CA ARG A 248 -1.65 -7.35 -21.60
C ARG A 248 -0.81 -8.17 -20.63
N ILE A 249 -0.91 -7.87 -19.34
CA ILE A 249 -0.08 -8.51 -18.34
C ILE A 249 -0.70 -9.81 -17.83
N LEU A 250 -2.01 -9.82 -17.61
CA LEU A 250 -2.67 -10.95 -16.96
C LEU A 250 -3.53 -11.79 -17.90
N GLY A 251 -3.98 -11.24 -19.01
CA GLY A 251 -4.88 -11.94 -19.89
C GLY A 251 -6.24 -11.29 -19.95
N PRO A 252 -7.15 -11.85 -20.74
CA PRO A 252 -8.46 -11.21 -20.94
C PRO A 252 -9.30 -11.21 -19.68
N LEU A 253 -10.14 -10.19 -19.55
CA LEU A 253 -11.07 -10.12 -18.44
C LEU A 253 -12.08 -11.27 -18.53
N PRO A 254 -12.58 -11.74 -17.40
CA PRO A 254 -13.62 -12.78 -17.45
C PRO A 254 -14.91 -12.26 -18.05
N LYS A 255 -15.59 -13.12 -18.80
CA LYS A 255 -16.78 -12.71 -19.52
C LYS A 255 -17.90 -12.32 -18.56
N HIS A 256 -18.02 -13.00 -17.43
CA HIS A 256 -19.08 -12.68 -16.49
C HIS A 256 -18.88 -11.29 -15.89
N MET A 257 -17.64 -10.92 -15.58
CA MET A 257 -17.38 -9.58 -15.06
C MET A 257 -17.70 -8.51 -16.10
N ILE A 258 -17.40 -8.78 -17.37
CA ILE A 258 -17.74 -7.83 -18.43
C ILE A 258 -19.25 -7.74 -18.59
N GLN A 259 -19.95 -8.86 -18.39
CA GLN A 259 -21.40 -8.89 -18.59
C GLN A 259 -22.14 -8.05 -17.56
N LYS A 260 -21.73 -8.16 -16.29
CA LYS A 260 -22.52 -7.56 -15.22
C LYS A 260 -22.25 -6.07 -15.03
N THR A 261 -21.05 -5.61 -15.37
CA THR A 261 -20.65 -4.25 -15.01
C THR A 261 -21.56 -3.21 -15.65
N ARG A 262 -21.88 -2.17 -14.87
CA ARG A 262 -22.65 -1.04 -15.37
C ARG A 262 -21.77 0.03 -16.01
N LYS A 263 -20.44 -0.11 -15.90
CA LYS A 263 -19.51 0.83 -16.53
C LYS A 263 -19.37 0.45 -18.01
N ARG A 264 -20.44 0.74 -18.77
CA ARG A 264 -20.39 0.54 -20.22
C ARG A 264 -19.40 1.47 -20.89
N LYS A 265 -19.00 2.55 -20.19
CA LYS A 265 -18.06 3.52 -20.75
C LYS A 265 -16.76 2.87 -21.21
N TYR A 266 -16.36 1.76 -20.59
CA TYR A 266 -15.08 1.13 -20.89
C TYR A 266 -15.16 0.15 -22.04
N PHE A 267 -16.36 -0.28 -22.45
CA PHE A 267 -16.50 -1.44 -23.29
C PHE A 267 -17.25 -1.12 -24.58
N HIS A 268 -16.86 -1.83 -25.64
CA HIS A 268 -17.54 -1.82 -26.93
C HIS A 268 -18.02 -3.25 -27.16
N HIS A 269 -19.31 -3.49 -26.90
CA HIS A 269 -19.89 -4.82 -26.87
C HIS A 269 -19.27 -5.67 -25.76
N ASP A 270 -18.53 -6.72 -26.13
CA ASP A 270 -17.93 -7.62 -25.15
C ASP A 270 -16.43 -7.44 -25.00
N ARG A 271 -15.82 -6.55 -25.77
CA ARG A 271 -14.39 -6.29 -25.68
C ARG A 271 -14.14 -4.89 -25.13
N LEU A 272 -12.93 -4.68 -24.62
CA LEU A 272 -12.54 -3.38 -24.10
C LEU A 272 -12.44 -2.38 -25.24
N ASP A 273 -13.06 -1.21 -25.07
CA ASP A 273 -13.04 -0.15 -26.08
C ASP A 273 -11.66 0.50 -26.07
N TRP A 274 -10.72 -0.16 -26.75
CA TRP A 274 -9.31 0.23 -26.71
C TRP A 274 -8.77 0.40 -28.12
N ASP A 275 -8.11 1.53 -28.36
CA ASP A 275 -7.41 1.80 -29.61
C ASP A 275 -5.92 1.64 -29.34
N GLU A 276 -5.35 0.52 -29.78
CA GLU A 276 -3.95 0.20 -29.51
C GLU A 276 -2.99 1.00 -30.37
N HIS A 277 -3.48 1.85 -31.26
CA HIS A 277 -2.62 2.69 -32.09
C HIS A 277 -2.66 4.16 -31.69
N SER A 278 -3.42 4.50 -30.66
CA SER A 278 -3.42 5.85 -30.13
C SER A 278 -2.18 6.06 -29.25
N SER A 279 -2.08 7.24 -28.65
CA SER A 279 -0.94 7.54 -27.78
C SER A 279 -0.87 6.58 -26.61
N ALA A 280 -2.00 6.40 -25.91
CA ALA A 280 -2.02 5.48 -24.77
C ALA A 280 -1.86 4.03 -25.22
N GLY A 281 -2.45 3.68 -26.36
CA GLY A 281 -2.32 2.31 -26.85
C GLY A 281 -0.88 1.95 -27.20
N ARG A 282 -0.15 2.90 -27.78
CA ARG A 282 1.27 2.67 -28.06
C ARG A 282 2.09 2.56 -26.78
N TYR A 283 1.72 3.30 -25.74
CA TYR A 283 2.42 3.21 -24.46
C TYR A 283 2.16 1.87 -23.78
N VAL A 284 0.90 1.44 -23.75
CA VAL A 284 0.55 0.18 -23.09
C VAL A 284 1.26 -0.98 -23.77
N SER A 285 1.41 -0.92 -25.10
CA SER A 285 2.10 -1.98 -25.82
C SER A 285 3.56 -2.07 -25.40
N ARG A 286 4.25 -0.93 -25.32
CA ARG A 286 5.67 -0.93 -25.00
C ARG A 286 5.91 -1.26 -23.53
N ALA A 287 5.14 -0.62 -22.64
CA ALA A 287 5.38 -0.73 -21.21
C ALA A 287 4.88 -2.04 -20.61
N CYS A 288 4.04 -2.79 -21.30
CA CYS A 288 3.40 -3.97 -20.72
C CYS A 288 3.72 -5.23 -21.51
N LYS A 289 3.77 -6.34 -20.78
CA LYS A 289 4.03 -7.66 -21.33
C LYS A 289 3.48 -8.69 -20.36
N PRO A 290 3.36 -9.95 -20.77
CA PRO A 290 2.90 -10.99 -19.84
C PRO A 290 3.69 -10.98 -18.53
N LEU A 291 3.02 -11.40 -17.46
CA LEU A 291 3.57 -11.25 -16.11
C LEU A 291 4.89 -11.98 -15.96
N LYS A 292 4.96 -13.22 -16.43
CA LYS A 292 6.15 -14.05 -16.22
C LYS A 292 7.37 -13.48 -16.91
N GLU A 293 7.19 -12.71 -17.99
CA GLU A 293 8.32 -12.12 -18.69
C GLU A 293 9.01 -11.03 -17.89
N PHE A 294 8.38 -10.55 -16.81
CA PHE A 294 9.03 -9.60 -15.90
C PHE A 294 10.02 -10.26 -14.95
N MET A 295 10.12 -11.60 -14.99
CA MET A 295 10.99 -12.30 -14.07
C MET A 295 12.46 -12.03 -14.40
N LEU A 296 13.25 -11.83 -13.35
CA LEU A 296 14.68 -11.55 -13.49
C LEU A 296 15.55 -12.79 -13.29
N SER A 297 14.94 -13.92 -12.92
CA SER A 297 15.67 -15.17 -12.77
C SER A 297 14.68 -16.31 -12.82
N GLN A 298 15.14 -17.46 -13.32
CA GLN A 298 14.33 -18.67 -13.35
C GLN A 298 14.53 -19.53 -12.11
N ASP A 299 15.26 -19.02 -11.11
CA ASP A 299 15.40 -19.72 -9.84
C ASP A 299 14.02 -20.02 -9.25
N VAL A 300 13.93 -21.16 -8.54
CA VAL A 300 12.63 -21.63 -8.08
C VAL A 300 12.00 -20.63 -7.11
N GLU A 301 12.81 -20.02 -6.25
CA GLU A 301 12.27 -19.02 -5.33
C GLU A 301 11.64 -17.85 -6.07
N HIS A 302 12.13 -17.55 -7.28
CA HIS A 302 11.49 -16.52 -8.08
C HIS A 302 10.16 -16.99 -8.67
N GLU A 303 10.10 -18.27 -9.06
CA GLU A 303 8.84 -18.83 -9.56
C GLU A 303 7.84 -19.04 -8.43
N ARG A 304 8.30 -19.25 -7.20
CA ARG A 304 7.39 -19.32 -6.07
C ARG A 304 6.76 -17.96 -5.80
N LEU A 305 7.55 -16.89 -5.89
CA LEU A 305 7.01 -15.55 -5.70
C LEU A 305 6.00 -15.21 -6.79
N PHE A 306 6.37 -15.43 -8.05
CA PHE A 306 5.48 -15.10 -9.16
C PHE A 306 4.26 -16.00 -9.21
N ASP A 307 4.32 -17.19 -8.60
CA ASP A 307 3.11 -17.98 -8.41
C ASP A 307 2.17 -17.31 -7.41
N LEU A 308 2.73 -16.74 -6.34
CA LEU A 308 1.91 -16.04 -5.36
C LEU A 308 1.30 -14.78 -5.95
N ILE A 309 2.08 -14.01 -6.70
CA ILE A 309 1.56 -12.78 -7.32
C ILE A 309 0.41 -13.11 -8.27
N GLN A 310 0.57 -14.16 -9.07
CA GLN A 310 -0.47 -14.52 -10.04
C GLN A 310 -1.75 -14.94 -9.34
N LYS A 311 -1.64 -15.59 -8.18
CA LYS A 311 -2.85 -15.94 -7.42
C LYS A 311 -3.49 -14.70 -6.81
N MET A 312 -2.66 -13.76 -6.33
CA MET A 312 -3.19 -12.52 -5.78
C MET A 312 -3.79 -11.64 -6.86
N LEU A 313 -3.31 -11.76 -8.09
CA LEU A 313 -3.83 -11.01 -9.22
C LEU A 313 -4.87 -11.79 -10.01
N GLU A 314 -5.62 -12.66 -9.33
CA GLU A 314 -6.73 -13.35 -9.95
C GLU A 314 -7.88 -12.37 -10.18
N TYR A 315 -8.46 -12.39 -11.38
CA TYR A 315 -9.50 -11.43 -11.72
C TYR A 315 -10.71 -11.58 -10.82
N ASP A 316 -11.24 -12.78 -10.72
CA ASP A 316 -12.44 -13.01 -9.93
C ASP A 316 -12.15 -12.79 -8.45
N PRO A 317 -12.88 -11.91 -7.76
CA PRO A 317 -12.59 -11.68 -6.34
C PRO A 317 -12.90 -12.90 -5.47
N ALA A 318 -13.80 -13.78 -5.91
CA ALA A 318 -14.11 -14.97 -5.12
C ALA A 318 -13.03 -16.03 -5.28
N LYS A 319 -12.56 -16.25 -6.50
CA LYS A 319 -11.47 -17.20 -6.72
C LYS A 319 -10.17 -16.70 -6.11
N ARG A 320 -10.02 -15.38 -5.98
CA ARG A 320 -8.77 -14.80 -5.52
C ARG A 320 -8.34 -15.39 -4.18
N ILE A 321 -7.05 -15.70 -4.08
CA ILE A 321 -6.52 -16.29 -2.86
C ILE A 321 -6.73 -15.34 -1.70
N THR A 322 -7.04 -15.89 -0.53
CA THR A 322 -7.12 -15.11 0.68
C THR A 322 -5.74 -15.02 1.33
N LEU A 323 -5.57 -14.04 2.21
CA LEU A 323 -4.30 -13.90 2.92
C LEU A 323 -4.06 -15.08 3.85
N ARG A 324 -5.13 -15.69 4.37
CA ARG A 324 -4.98 -16.90 5.17
C ARG A 324 -4.34 -18.01 4.34
N GLU A 325 -4.80 -18.18 3.10
CA GLU A 325 -4.17 -19.16 2.20
C GLU A 325 -2.82 -18.66 1.70
N ALA A 326 -2.66 -17.34 1.54
CA ALA A 326 -1.40 -16.80 1.05
C ALA A 326 -0.26 -17.03 2.04
N LEU A 327 -0.56 -17.03 3.34
CA LEU A 327 0.47 -17.28 4.34
C LEU A 327 0.92 -18.73 4.38
N LYS A 328 0.17 -19.64 3.76
CA LYS A 328 0.55 -21.04 3.65
C LYS A 328 1.25 -21.34 2.33
N HIS A 329 1.63 -20.33 1.57
CA HIS A 329 2.18 -20.56 0.24
C HIS A 329 3.62 -21.07 0.32
N PRO A 330 4.06 -21.86 -0.66
CA PRO A 330 5.46 -22.32 -0.66
C PRO A 330 6.49 -21.20 -0.65
N PHE A 331 6.14 -19.99 -1.11
CA PHE A 331 7.10 -18.89 -1.09
C PHE A 331 7.55 -18.57 0.33
N PHE A 332 6.71 -18.86 1.33
CA PHE A 332 7.02 -18.58 2.72
C PHE A 332 7.52 -19.82 3.47
N ASP A 333 7.78 -20.92 2.76
CA ASP A 333 8.29 -22.12 3.41
C ASP A 333 9.68 -21.88 3.99
N LEU A 334 10.50 -21.10 3.28
CA LEU A 334 11.86 -20.81 3.76
C LEU A 334 11.84 -20.14 5.12
N LEU A 335 10.80 -19.37 5.42
CA LEU A 335 10.70 -18.69 6.70
C LEU A 335 10.34 -19.64 7.84
N LYS A 336 9.82 -20.83 7.52
CA LYS A 336 9.39 -21.77 8.55
C LYS A 336 10.41 -22.89 8.74
C1 WAZ B . 2.50 11.87 3.63
O2 WAZ B . 1.73 10.69 3.52
C3 WAZ B . 2.47 9.60 3.04
C10 WAZ B . 1.13 8.13 6.19
C12 WAZ B . 1.14 7.71 8.29
C13 WAZ B . 1.49 7.46 9.57
C14 WAZ B . 2.82 7.41 10.19
C15 WAZ B . 2.99 6.87 11.47
C16 WAZ B . 4.25 6.79 12.07
C17 WAZ B . 5.36 7.27 11.37
C19 WAZ B . 7.46 7.75 10.93
C21 WAZ B . 5.19 7.81 10.10
C22 WAZ B . 3.95 7.89 9.50
C23 WAZ B . -0.27 7.73 7.85
C4 WAZ B . 2.67 8.59 4.16
C5 WAZ B . 3.81 9.01 5.09
C6 WAZ B . 5.07 8.14 4.98
C7 WAZ B . 6.13 8.58 5.97
C8 WAZ B . 5.64 8.16 3.56
N11 WAZ B . 1.95 7.96 7.21
N18 WAZ B . 6.69 7.24 11.84
N25 WAZ B . -0.19 7.99 6.50
N9 WAZ B . 1.41 8.40 4.89
O24 WAZ B . -1.31 7.53 8.49
S20 WAZ B . 6.73 8.31 9.47
#